data_6O4U
#
_entry.id   6O4U
#
_cell.length_a   36.833
_cell.length_b   89.162
_cell.length_c   42.721
_cell.angle_alpha   90.00
_cell.angle_beta   106.24
_cell.angle_gamma   90.00
#
_symmetry.space_group_name_H-M   'P 1 21 1'
#
loop_
_entity.id
_entity.type
_entity.pdbx_description
1 polymer 'Induced myeloid leukemia cell differentiation protein Mcl-1'
2 non-polymer (2~{S})-4-(cyclobutylmethyl)-2-(2,4-dichlorophenyl)-~{N}-(2-methylpropylsulfonyl)-2,3-dihydro-1,4-benzoxazine-6-carboxamide
3 water water
#
_entity_poly.entity_id   1
_entity_poly.type   'polypeptide(L)'
_entity_poly.pdbx_seq_one_letter_code
;DELYRQSLEIISRYLREQATGAKDTKPMGRSGATSRKALETLRRVGDGVQRNHETAFQGMLRKLDIKNEDDVKSLSRVMI
HVFSDGVTNWGRIVTLISFGAFVAKHLKTINQESCIEPLAESITDVLVRTKRDWLVKQRGWDGFVEFFHVEDLEGG
;
_entity_poly.pdbx_strand_id   A,B
#
loop_
_chem_comp.id
_chem_comp.type
_chem_comp.name
_chem_comp.formula
LMV non-polymer (2~{S})-4-(cyclobutylmethyl)-2-(2,4-dichlorophenyl)-~{N}-(2-methylpropylsulfonyl)-2,3-dihydro-1,4-benzoxazine-6-carboxamide 'C24 H28 Cl2 N2 O4 S'
#
# COMPACT_ATOMS: atom_id res chain seq x y z
N ASP A 1 19.40 24.22 5.31
CA ASP A 1 19.11 22.86 4.75
C ASP A 1 18.42 23.05 3.41
N GLU A 2 19.18 23.07 2.31
CA GLU A 2 18.60 23.28 0.97
C GLU A 2 17.72 22.14 0.47
N LEU A 3 18.13 20.91 0.73
CA LEU A 3 17.33 19.77 0.29
C LEU A 3 15.99 19.84 1.02
N TYR A 4 16.01 20.26 2.28
CA TYR A 4 14.77 20.38 3.04
C TYR A 4 13.87 21.45 2.46
N ARG A 5 14.40 22.67 2.32
CA ARG A 5 13.63 23.80 1.78
C ARG A 5 12.96 23.47 0.45
N GLN A 6 13.72 22.89 -0.47
CA GLN A 6 13.20 22.56 -1.80
C GLN A 6 12.09 21.51 -1.75
N SER A 7 12.26 20.53 -0.88
CA SER A 7 11.27 19.48 -0.75
C SER A 7 9.97 20.05 -0.20
N LEU A 8 10.09 20.94 0.78
CA LEU A 8 8.93 21.58 1.39
C LEU A 8 8.22 22.49 0.39
N GLU A 9 8.99 23.15 -0.47
CA GLU A 9 8.38 24.03 -1.47
C GLU A 9 7.54 23.18 -2.40
N ILE A 10 8.12 22.08 -2.88
CA ILE A 10 7.42 21.17 -3.77
C ILE A 10 6.17 20.58 -3.11
N ILE A 11 6.36 19.92 -1.97
CA ILE A 11 5.28 19.29 -1.24
C ILE A 11 4.18 20.28 -0.82
N SER A 12 4.58 21.50 -0.44
CA SER A 12 3.61 22.51 -0.03
C SER A 12 2.77 23.01 -1.22
N ARG A 13 3.42 23.24 -2.35
CA ARG A 13 2.71 23.71 -3.53
C ARG A 13 1.75 22.66 -4.09
N TYR A 14 2.18 21.41 -4.10
CA TYR A 14 1.33 20.33 -4.60
C TYR A 14 0.10 20.23 -3.68
N LEU A 15 0.32 20.15 -2.37
CA LEU A 15 -0.79 20.05 -1.43
C LEU A 15 -1.75 21.23 -1.53
N ARG A 16 -1.19 22.43 -1.57
CA ARG A 16 -1.97 23.67 -1.67
C ARG A 16 -2.82 23.75 -2.95
N GLU A 17 -2.22 23.45 -4.10
CA GLU A 17 -2.97 23.51 -5.34
C GLU A 17 -4.02 22.43 -5.45
N GLN A 18 -3.74 21.26 -4.87
CA GLN A 18 -4.69 20.16 -4.92
C GLN A 18 -5.93 20.47 -4.08
N ALA A 19 -5.73 21.12 -2.94
CA ALA A 19 -6.83 21.48 -2.06
C ALA A 19 -7.59 22.67 -2.64
N THR A 20 -6.85 23.69 -3.05
CA THR A 20 -7.47 24.90 -3.58
C THR A 20 -7.98 24.72 -4.99
N GLY A 21 -7.32 23.87 -5.77
CA GLY A 21 -7.73 23.68 -7.14
C GLY A 21 -7.39 24.95 -7.90
N ALA A 22 -6.15 25.42 -7.76
CA ALA A 22 -5.69 26.63 -8.43
C ALA A 22 -4.17 26.71 -8.24
N LYS A 23 -3.45 26.77 -9.36
CA LYS A 23 -1.98 26.82 -9.36
C LYS A 23 -1.30 28.04 -8.76
N ASP A 24 -0.12 27.81 -8.15
CA ASP A 24 0.63 28.89 -7.53
C ASP A 24 1.78 29.27 -8.45
N GLY A 29 11.58 29.47 -5.91
CA GLY A 29 12.78 29.59 -5.10
C GLY A 29 13.97 28.95 -5.80
N ARG A 30 14.99 28.59 -5.03
CA ARG A 30 16.20 28.00 -5.59
C ARG A 30 16.03 26.68 -6.40
N SER A 31 16.94 26.34 -7.31
CA SER A 31 16.74 25.10 -8.06
C SER A 31 15.25 24.95 -8.54
N GLY A 32 14.69 26.09 -8.99
CA GLY A 32 13.30 26.12 -9.46
C GLY A 32 13.01 25.39 -10.76
N ALA A 33 14.01 25.28 -11.64
CA ALA A 33 13.80 24.59 -12.90
C ALA A 33 13.54 23.14 -12.53
N THR A 34 14.33 22.61 -11.60
CA THR A 34 14.16 21.23 -11.14
C THR A 34 12.81 21.10 -10.43
N SER A 35 12.54 22.03 -9.52
CA SER A 35 11.29 22.00 -8.78
C SER A 35 10.09 22.03 -9.72
N ARG A 36 10.08 22.88 -10.75
CA ARG A 36 8.94 22.86 -11.69
C ARG A 36 8.80 21.48 -12.33
N LYS A 37 9.91 20.83 -12.64
CA LYS A 37 9.77 19.50 -13.25
C LYS A 37 9.27 18.52 -12.22
N ALA A 38 9.79 18.61 -11.01
CA ALA A 38 9.36 17.72 -9.92
C ALA A 38 7.87 17.91 -9.70
N LEU A 39 7.44 19.16 -9.63
CA LEU A 39 6.03 19.46 -9.39
C LEU A 39 5.21 18.92 -10.57
N GLU A 40 5.78 18.97 -11.78
CA GLU A 40 5.10 18.47 -12.97
C GLU A 40 4.92 16.94 -12.96
N THR A 41 5.93 16.23 -12.47
CA THR A 41 5.92 14.78 -12.39
C THR A 41 4.95 14.38 -11.30
N LEU A 42 4.93 15.17 -10.23
CA LEU A 42 4.08 14.92 -9.09
C LEU A 42 2.61 15.03 -9.42
N ARG A 43 2.23 16.08 -10.17
CA ARG A 43 0.83 16.24 -10.53
C ARG A 43 0.42 14.99 -11.29
N ARG A 44 1.26 14.57 -12.23
CA ARG A 44 0.98 13.41 -13.04
C ARG A 44 0.91 12.06 -12.32
N VAL A 45 1.95 11.67 -11.61
CA VAL A 45 1.93 10.38 -10.91
C VAL A 45 1.11 10.45 -9.61
N GLY A 46 1.22 11.58 -8.91
CA GLY A 46 0.46 11.76 -7.67
C GLY A 46 -1.03 11.65 -7.92
N ASP A 47 -1.49 12.28 -9.00
CA ASP A 47 -2.91 12.21 -9.35
C ASP A 47 -3.28 10.76 -9.71
N GLY A 48 -2.42 10.07 -10.45
CA GLY A 48 -2.68 8.69 -10.83
C GLY A 48 -2.86 7.82 -9.60
N VAL A 49 -1.91 7.93 -8.66
CA VAL A 49 -2.00 7.15 -7.43
C VAL A 49 -3.31 7.44 -6.69
N GLN A 50 -3.68 8.71 -6.56
CA GLN A 50 -4.94 9.05 -5.89
C GLN A 50 -6.16 8.47 -6.60
N ARG A 51 -6.17 8.45 -7.94
CA ARG A 51 -7.34 7.87 -8.63
C ARG A 51 -7.36 6.40 -8.56
N ASN A 52 -6.29 5.76 -9.01
CA ASN A 52 -6.27 4.31 -9.00
C ASN A 52 -6.35 3.62 -7.64
N HIS A 53 -6.02 4.32 -6.56
CA HIS A 53 -6.06 3.74 -5.22
C HIS A 53 -7.01 4.55 -4.34
N GLU A 54 -8.01 5.14 -4.98
CA GLU A 54 -8.99 5.98 -4.29
C GLU A 54 -9.78 5.32 -3.17
N THR A 55 -10.16 4.05 -3.33
CA THR A 55 -10.94 3.38 -2.28
C THR A 55 -10.07 3.26 -1.03
N ALA A 56 -8.80 2.92 -1.21
CA ALA A 56 -7.88 2.78 -0.07
C ALA A 56 -7.66 4.14 0.60
N PHE A 57 -7.62 5.19 -0.21
CA PHE A 57 -7.43 6.54 0.31
C PHE A 57 -8.68 6.97 1.09
N GLN A 58 -9.85 6.72 0.52
CA GLN A 58 -11.10 7.08 1.20
C GLN A 58 -11.17 6.33 2.54
N GLY A 59 -10.87 5.03 2.51
CA GLY A 59 -10.91 4.24 3.71
C GLY A 59 -9.93 4.69 4.77
N MET A 60 -8.71 5.01 4.36
CA MET A 60 -7.71 5.49 5.32
C MET A 60 -8.13 6.84 5.88
N LEU A 61 -8.60 7.73 5.02
CA LEU A 61 -9.00 9.06 5.49
C LEU A 61 -10.10 8.96 6.53
N ARG A 62 -11.10 8.19 6.19
CA ARG A 62 -12.24 7.98 7.04
C ARG A 62 -11.83 7.44 8.41
N LYS A 63 -11.01 6.39 8.39
CA LYS A 63 -10.55 5.77 9.62
C LYS A 63 -9.80 6.80 10.44
N LEU A 64 -8.98 7.61 9.77
CA LEU A 64 -8.20 8.63 10.46
C LEU A 64 -9.09 9.64 11.15
N ASP A 65 -10.22 9.96 10.53
CA ASP A 65 -11.20 10.87 11.08
C ASP A 65 -10.55 12.17 11.54
N ILE A 66 -10.05 12.92 10.57
CA ILE A 66 -9.40 14.18 10.86
C ILE A 66 -10.44 15.30 10.93
N LYS A 67 -10.58 15.89 12.11
CA LYS A 67 -11.53 16.98 12.29
C LYS A 67 -10.85 18.28 12.71
N ASN A 68 -9.63 18.20 13.23
CA ASN A 68 -8.97 19.42 13.69
C ASN A 68 -7.45 19.31 13.72
N GLU A 69 -6.80 20.39 14.15
CA GLU A 69 -5.34 20.47 14.24
C GLU A 69 -4.71 19.40 15.11
N ASP A 70 -5.41 18.91 16.13
CA ASP A 70 -4.78 17.88 16.93
C ASP A 70 -4.85 16.53 16.20
N ASP A 71 -5.76 16.41 15.25
CA ASP A 71 -5.86 15.19 14.47
C ASP A 71 -4.72 15.21 13.44
N VAL A 72 -4.44 16.38 12.86
CA VAL A 72 -3.33 16.48 11.91
C VAL A 72 -2.02 16.19 12.63
N LYS A 73 -1.88 16.72 13.84
CA LYS A 73 -0.66 16.52 14.59
C LYS A 73 -0.44 15.03 14.86
N SER A 74 -1.54 14.32 15.13
CA SER A 74 -1.49 12.90 15.40
C SER A 74 -1.08 12.07 14.18
N LEU A 75 -1.25 12.62 12.98
CA LEU A 75 -0.91 11.89 11.75
C LEU A 75 0.56 11.47 11.63
N SER A 76 1.47 12.24 12.19
CA SER A 76 2.88 11.93 12.07
C SER A 76 3.35 10.57 12.60
N ARG A 77 2.69 10.04 13.64
CA ARG A 77 3.09 8.75 14.20
C ARG A 77 2.82 7.59 13.24
N VAL A 78 1.61 7.58 12.67
CA VAL A 78 1.21 6.55 11.72
C VAL A 78 2.07 6.73 10.47
N MET A 79 2.26 7.99 10.10
CA MET A 79 3.03 8.32 8.93
C MET A 79 4.45 7.74 8.96
N ILE A 80 5.22 8.08 9.99
CA ILE A 80 6.59 7.59 10.13
C ILE A 80 6.64 6.06 10.19
N HIS A 81 5.70 5.49 10.91
CA HIS A 81 5.66 4.04 11.05
C HIS A 81 5.42 3.23 9.77
N VAL A 82 4.34 3.52 9.08
CA VAL A 82 3.97 2.79 7.88
C VAL A 82 4.83 3.16 6.66
N PHE A 83 5.27 4.40 6.61
CA PHE A 83 6.09 4.84 5.49
C PHE A 83 7.51 4.26 5.54
N SER A 84 7.96 3.93 6.75
CA SER A 84 9.28 3.36 6.97
C SER A 84 9.31 1.83 6.85
N ASP A 85 8.14 1.19 6.80
CA ASP A 85 8.07 -0.27 6.72
C ASP A 85 8.64 -0.91 5.45
N GLY A 86 8.19 -0.43 4.29
CA GLY A 86 8.63 -0.96 2.99
C GLY A 86 10.03 -0.52 2.56
N VAL A 87 10.55 -1.10 1.49
CA VAL A 87 11.89 -0.70 1.05
C VAL A 87 11.83 0.69 0.44
N THR A 88 12.90 1.48 0.58
CA THR A 88 12.92 2.83 0.05
C THR A 88 12.95 2.87 -1.47
N ASN A 89 11.96 3.53 -2.06
CA ASN A 89 11.83 3.71 -3.50
C ASN A 89 10.94 4.94 -3.76
N TRP A 90 11.00 5.53 -4.95
CA TRP A 90 10.20 6.73 -5.23
C TRP A 90 8.71 6.47 -5.22
N GLY A 91 8.31 5.24 -5.52
CA GLY A 91 6.88 4.92 -5.50
C GLY A 91 6.31 5.05 -4.10
N ARG A 92 7.10 4.72 -3.07
CA ARG A 92 6.64 4.82 -1.69
C ARG A 92 6.55 6.30 -1.31
N ILE A 93 7.48 7.11 -1.83
CA ILE A 93 7.49 8.54 -1.55
C ILE A 93 6.24 9.17 -2.19
N VAL A 94 5.88 8.71 -3.38
CA VAL A 94 4.69 9.24 -4.05
C VAL A 94 3.41 8.85 -3.28
N THR A 95 3.40 7.67 -2.65
CA THR A 95 2.22 7.28 -1.87
C THR A 95 2.10 8.19 -0.67
N LEU A 96 3.25 8.48 -0.06
CA LEU A 96 3.31 9.35 1.10
C LEU A 96 2.75 10.74 0.77
N ILE A 97 3.32 11.37 -0.24
CA ILE A 97 2.91 12.71 -0.65
C ILE A 97 1.49 12.72 -1.22
N SER A 98 1.15 11.71 -2.02
CA SER A 98 -0.18 11.63 -2.61
C SER A 98 -1.27 11.58 -1.58
N PHE A 99 -1.10 10.73 -0.57
CA PHE A 99 -2.12 10.64 0.44
C PHE A 99 -2.19 11.96 1.19
N GLY A 100 -1.05 12.65 1.25
CA GLY A 100 -0.99 13.93 1.91
C GLY A 100 -1.90 14.87 1.13
N ALA A 101 -1.79 14.83 -0.19
CA ALA A 101 -2.62 15.67 -1.05
C ALA A 101 -4.10 15.39 -0.76
N PHE A 102 -4.42 14.11 -0.55
CA PHE A 102 -5.80 13.69 -0.27
C PHE A 102 -6.29 14.33 1.01
N VAL A 103 -5.44 14.27 2.02
CA VAL A 103 -5.76 14.85 3.33
C VAL A 103 -5.93 16.36 3.16
N ALA A 104 -5.07 16.97 2.34
CA ALA A 104 -5.16 18.41 2.11
C ALA A 104 -6.52 18.75 1.48
N LYS A 105 -6.99 17.91 0.56
CA LYS A 105 -8.27 18.16 -0.06
C LYS A 105 -9.37 18.08 1.00
N HIS A 106 -9.24 17.13 1.92
CA HIS A 106 -10.24 16.96 3.01
C HIS A 106 -10.23 18.17 3.94
N LEU A 107 -9.04 18.63 4.31
CA LEU A 107 -8.92 19.78 5.21
C LEU A 107 -9.61 21.03 4.69
N LYS A 108 -9.42 21.32 3.40
CA LYS A 108 -10.03 22.48 2.74
C LYS A 108 -11.55 22.30 2.75
N THR A 109 -11.98 21.08 2.47
CA THR A 109 -13.39 20.74 2.42
C THR A 109 -14.11 21.04 3.74
N ILE A 110 -13.46 20.69 4.84
CA ILE A 110 -14.03 20.88 6.18
C ILE A 110 -13.63 22.19 6.84
N ASN A 111 -13.11 23.13 6.05
CA ASN A 111 -12.73 24.45 6.51
C ASN A 111 -11.57 24.44 7.50
N GLN A 112 -10.55 23.65 7.21
CA GLN A 112 -9.35 23.56 8.03
C GLN A 112 -8.11 23.78 7.17
N GLU A 113 -8.27 24.55 6.09
CA GLU A 113 -7.16 24.80 5.20
C GLU A 113 -5.93 25.39 5.89
N SER A 114 -6.09 26.02 7.04
CA SER A 114 -4.93 26.60 7.72
C SER A 114 -4.00 25.50 8.23
N CYS A 115 -4.48 24.27 8.18
CA CYS A 115 -3.70 23.14 8.63
C CYS A 115 -2.90 22.52 7.48
N ILE A 116 -3.11 23.01 6.26
CA ILE A 116 -2.42 22.43 5.11
C ILE A 116 -0.92 22.60 5.08
N GLU A 117 -0.46 23.82 5.25
CA GLU A 117 0.99 24.07 5.23
C GLU A 117 1.68 23.31 6.36
N PRO A 118 1.05 23.24 7.55
CA PRO A 118 1.71 22.49 8.64
C PRO A 118 1.80 21.00 8.35
N LEU A 119 0.79 20.53 7.61
CA LEU A 119 0.70 19.15 7.21
C LEU A 119 1.84 18.88 6.24
N ALA A 120 2.09 19.83 5.34
CA ALA A 120 3.17 19.63 4.37
C ALA A 120 4.52 19.60 5.07
N GLU A 121 4.58 20.26 6.21
CA GLU A 121 5.79 20.29 7.00
C GLU A 121 6.00 18.93 7.68
N SER A 122 4.93 18.37 8.23
CA SER A 122 5.00 17.06 8.88
C SER A 122 5.50 16.04 7.85
N ILE A 123 4.92 16.10 6.66
CA ILE A 123 5.27 15.20 5.57
C ILE A 123 6.72 15.35 5.14
N THR A 124 7.15 16.60 4.89
CA THR A 124 8.53 16.87 4.47
C THR A 124 9.51 16.42 5.56
N ASP A 125 9.10 16.58 6.83
CA ASP A 125 9.97 16.14 7.92
C ASP A 125 10.19 14.61 7.82
N VAL A 126 9.12 13.85 7.62
CA VAL A 126 9.26 12.39 7.52
C VAL A 126 10.13 11.99 6.35
N LEU A 127 9.80 12.50 5.16
CA LEU A 127 10.53 12.20 3.94
C LEU A 127 12.01 12.49 4.05
N VAL A 128 12.32 13.77 4.22
CA VAL A 128 13.70 14.20 4.28
C VAL A 128 14.49 13.72 5.49
N ARG A 129 13.91 13.76 6.68
CA ARG A 129 14.66 13.32 7.84
C ARG A 129 14.85 11.82 7.91
N THR A 130 14.00 11.03 7.27
CA THR A 130 14.21 9.59 7.34
C THR A 130 14.86 9.00 6.10
N LYS A 131 14.81 9.73 4.99
CA LYS A 131 15.42 9.25 3.74
C LYS A 131 16.49 10.19 3.22
N ARG A 132 16.93 11.11 4.06
CA ARG A 132 17.92 12.08 3.63
C ARG A 132 19.08 11.55 2.80
N ASP A 133 19.82 10.58 3.32
CA ASP A 133 20.97 10.07 2.58
C ASP A 133 20.60 9.35 1.28
N TRP A 134 19.43 8.73 1.24
CA TRP A 134 18.99 8.04 0.04
C TRP A 134 18.68 9.09 -1.02
N LEU A 135 18.02 10.17 -0.59
CA LEU A 135 17.68 11.24 -1.50
C LEU A 135 18.94 11.83 -2.11
N VAL A 136 19.91 12.11 -1.24
CA VAL A 136 21.20 12.67 -1.66
C VAL A 136 21.80 11.77 -2.75
N LYS A 137 21.84 10.46 -2.51
CA LYS A 137 22.37 9.50 -3.47
C LYS A 137 21.63 9.55 -4.80
N GLN A 138 20.31 9.68 -4.72
CA GLN A 138 19.48 9.73 -5.91
C GLN A 138 19.50 11.11 -6.59
N ARG A 139 20.29 12.05 -6.08
CA ARG A 139 20.38 13.43 -6.59
C ARG A 139 19.05 14.17 -6.45
N GLY A 140 18.41 13.92 -5.32
CA GLY A 140 17.16 14.56 -4.96
C GLY A 140 16.01 14.45 -5.94
N TRP A 141 15.37 15.58 -6.18
CA TRP A 141 14.24 15.60 -7.08
C TRP A 141 14.60 15.36 -8.53
N ASP A 142 15.90 15.38 -8.84
CA ASP A 142 16.31 15.08 -10.21
C ASP A 142 16.14 13.58 -10.40
N GLY A 143 16.44 12.83 -9.36
CA GLY A 143 16.28 11.39 -9.44
C GLY A 143 14.78 11.09 -9.55
N PHE A 144 13.98 11.82 -8.79
CA PHE A 144 12.54 11.64 -8.82
C PHE A 144 12.02 11.78 -10.26
N VAL A 145 12.28 12.93 -10.84
CA VAL A 145 11.86 13.19 -12.20
C VAL A 145 12.41 12.14 -13.16
N GLU A 146 13.67 11.76 -12.96
CA GLU A 146 14.30 10.76 -13.83
C GLU A 146 13.62 9.42 -13.81
N PHE A 147 13.30 8.98 -12.60
CA PHE A 147 12.67 7.69 -12.39
C PHE A 147 11.34 7.56 -13.13
N PHE A 148 10.55 8.62 -13.13
CA PHE A 148 9.23 8.59 -13.77
C PHE A 148 9.15 9.09 -15.22
N HIS A 149 10.31 9.32 -15.83
CA HIS A 149 10.32 9.81 -17.19
C HIS A 149 9.50 8.94 -18.14
N VAL A 150 8.71 9.62 -18.96
CA VAL A 150 7.84 8.97 -19.94
C VAL A 150 8.03 9.64 -21.29
N ASP B 1 -2.28 -26.94 -14.23
CA ASP B 1 -1.42 -25.81 -13.78
C ASP B 1 -0.94 -26.05 -12.35
N GLU B 2 0.26 -26.61 -12.22
CA GLU B 2 0.85 -26.92 -10.91
C GLU B 2 1.06 -25.68 -10.06
N LEU B 3 1.46 -24.60 -10.72
CA LEU B 3 1.70 -23.35 -10.03
C LEU B 3 0.41 -22.80 -9.43
N TYR B 4 -0.66 -22.81 -10.20
CA TYR B 4 -1.94 -22.32 -9.70
C TYR B 4 -2.38 -23.16 -8.50
N ARG B 5 -2.31 -24.48 -8.65
CA ARG B 5 -2.72 -25.39 -7.57
C ARG B 5 -1.95 -25.09 -6.29
N GLN B 6 -0.62 -25.00 -6.42
CA GLN B 6 0.23 -24.74 -5.25
C GLN B 6 -0.01 -23.38 -4.60
N SER B 7 -0.42 -22.39 -5.39
CA SER B 7 -0.68 -21.06 -4.87
C SER B 7 -1.98 -21.03 -4.09
N LEU B 8 -3.00 -21.70 -4.65
CA LEU B 8 -4.31 -21.76 -4.03
C LEU B 8 -4.23 -22.58 -2.73
N GLU B 9 -3.37 -23.59 -2.73
CA GLU B 9 -3.22 -24.43 -1.55
C GLU B 9 -2.60 -23.63 -0.41
N ILE B 10 -1.61 -22.82 -0.75
CA ILE B 10 -0.93 -21.99 0.23
C ILE B 10 -1.84 -20.87 0.74
N ILE B 11 -2.42 -20.11 -0.18
CA ILE B 11 -3.27 -18.99 0.17
C ILE B 11 -4.55 -19.40 0.91
N SER B 12 -5.16 -20.50 0.45
CA SER B 12 -6.38 -20.99 1.08
C SER B 12 -6.07 -21.40 2.52
N ARG B 13 -4.90 -21.99 2.72
CA ARG B 13 -4.50 -22.42 4.06
C ARG B 13 -4.21 -21.24 4.98
N TYR B 14 -3.42 -20.29 4.51
CA TYR B 14 -3.10 -19.13 5.32
C TYR B 14 -4.39 -18.41 5.69
N LEU B 15 -5.24 -18.18 4.71
CA LEU B 15 -6.50 -17.50 4.98
C LEU B 15 -7.40 -18.25 5.95
N ARG B 16 -7.47 -19.58 5.82
CA ARG B 16 -8.31 -20.38 6.71
C ARG B 16 -7.77 -20.40 8.14
N GLU B 17 -6.45 -20.53 8.24
CA GLU B 17 -5.77 -20.58 9.53
C GLU B 17 -5.90 -19.23 10.24
N GLN B 18 -5.57 -18.16 9.52
CA GLN B 18 -5.66 -16.80 10.06
C GLN B 18 -7.06 -16.52 10.59
N ALA B 19 -8.05 -16.93 9.82
CA ALA B 19 -9.44 -16.70 10.18
C ALA B 19 -10.02 -17.59 11.27
N THR B 20 -9.74 -18.88 11.22
CA THR B 20 -10.29 -19.83 12.19
C THR B 20 -9.32 -20.25 13.29
N GLY B 21 -8.04 -19.94 13.10
CA GLY B 21 -7.02 -20.27 14.07
C GLY B 21 -6.41 -21.66 13.97
N ALA B 22 -7.05 -22.54 13.20
CA ALA B 22 -6.54 -23.88 13.08
C ALA B 22 -5.86 -24.16 11.75
N LYS B 23 -4.86 -25.04 11.80
CA LYS B 23 -4.08 -25.43 10.65
C LYS B 23 -4.61 -26.67 9.95
N ASP B 24 -4.28 -26.78 8.67
CA ASP B 24 -4.68 -27.93 7.86
C ASP B 24 -3.49 -28.89 7.83
N THR B 25 -3.65 -30.01 7.13
CA THR B 25 -2.57 -30.98 7.02
C THR B 25 -1.48 -30.41 6.14
N LYS B 26 -0.25 -30.89 6.34
CA LYS B 26 0.90 -30.45 5.58
C LYS B 26 0.64 -30.75 4.11
N PRO B 27 0.99 -29.82 3.20
CA PRO B 27 0.72 -30.17 1.80
C PRO B 27 1.52 -31.40 1.40
N MET B 28 1.05 -32.14 0.39
CA MET B 28 1.77 -33.35 -0.07
C MET B 28 2.49 -33.19 -1.39
N GLY B 29 3.24 -34.24 -1.74
CA GLY B 29 3.97 -34.27 -2.99
C GLY B 29 5.29 -33.53 -3.03
N ARG B 30 5.91 -33.60 -4.19
CA ARG B 30 7.20 -32.97 -4.45
C ARG B 30 7.25 -31.49 -4.14
N SER B 31 6.10 -30.82 -4.22
CA SER B 31 6.04 -29.39 -3.95
C SER B 31 5.67 -29.03 -2.53
N GLY B 32 5.22 -30.03 -1.76
CA GLY B 32 4.81 -29.80 -0.39
C GLY B 32 5.82 -29.15 0.55
N ALA B 33 7.10 -29.51 0.43
CA ALA B 33 8.15 -28.96 1.29
C ALA B 33 8.25 -27.43 1.15
N THR B 34 8.31 -26.96 -0.09
CA THR B 34 8.41 -25.51 -0.33
C THR B 34 7.10 -24.85 0.13
N SER B 35 5.96 -25.47 -0.16
CA SER B 35 4.67 -24.91 0.26
C SER B 35 4.67 -24.78 1.79
N ARG B 36 5.21 -25.78 2.46
CA ARG B 36 5.24 -25.70 3.90
C ARG B 36 6.08 -24.50 4.39
N LYS B 37 7.27 -24.35 3.84
CA LYS B 37 8.12 -23.23 4.25
C LYS B 37 7.48 -21.92 3.81
N ALA B 38 6.87 -21.91 2.63
CA ALA B 38 6.23 -20.70 2.15
C ALA B 38 5.13 -20.28 3.13
N LEU B 39 4.41 -21.26 3.65
CA LEU B 39 3.35 -20.97 4.60
C LEU B 39 3.93 -20.39 5.89
N GLU B 40 5.10 -20.88 6.31
CA GLU B 40 5.76 -20.40 7.51
C GLU B 40 6.13 -18.92 7.33
N THR B 41 6.69 -18.62 6.16
CA THR B 41 7.09 -17.28 5.79
C THR B 41 5.91 -16.30 5.78
N LEU B 42 4.77 -16.71 5.22
CA LEU B 42 3.59 -15.85 5.18
C LEU B 42 3.11 -15.59 6.60
N ARG B 43 3.20 -16.60 7.46
CA ARG B 43 2.75 -16.44 8.82
C ARG B 43 3.54 -15.32 9.47
N ARG B 44 4.84 -15.27 9.19
CA ARG B 44 5.72 -14.28 9.79
C ARG B 44 5.55 -12.88 9.16
N VAL B 45 5.85 -12.79 7.88
CA VAL B 45 5.79 -11.51 7.20
C VAL B 45 4.37 -11.02 6.95
N GLY B 46 3.42 -11.95 6.86
CA GLY B 46 2.04 -11.58 6.63
C GLY B 46 1.43 -11.03 7.91
N ASP B 47 1.82 -11.66 9.03
CA ASP B 47 1.35 -11.22 10.34
C ASP B 47 1.95 -9.85 10.62
N GLY B 48 3.19 -9.62 10.17
CA GLY B 48 3.84 -8.35 10.39
C GLY B 48 3.16 -7.20 9.64
N VAL B 49 2.82 -7.45 8.39
CA VAL B 49 2.15 -6.45 7.57
C VAL B 49 0.79 -6.09 8.20
N GLN B 50 0.01 -7.08 8.59
CA GLN B 50 -1.31 -6.78 9.16
C GLN B 50 -1.27 -5.91 10.41
N ARG B 51 -0.17 -6.01 11.16
CA ARG B 51 0.02 -5.23 12.39
C ARG B 51 0.56 -3.81 12.15
N ASN B 52 1.60 -3.68 11.34
CA ASN B 52 2.18 -2.39 11.08
C ASN B 52 1.32 -1.53 10.15
N HIS B 53 0.47 -2.18 9.36
CA HIS B 53 -0.43 -1.48 8.46
C HIS B 53 -1.89 -1.68 8.88
N GLU B 54 -2.09 -1.88 10.17
CA GLU B 54 -3.42 -2.14 10.73
C GLU B 54 -4.45 -1.04 10.44
N THR B 55 -4.04 0.23 10.55
CA THR B 55 -4.98 1.32 10.32
C THR B 55 -5.45 1.37 8.86
N ALA B 56 -4.52 1.13 7.94
CA ALA B 56 -4.83 1.10 6.51
C ALA B 56 -5.76 -0.06 6.21
N PHE B 57 -5.51 -1.20 6.85
CA PHE B 57 -6.34 -2.39 6.67
C PHE B 57 -7.74 -2.18 7.22
N GLN B 58 -7.81 -1.59 8.41
CA GLN B 58 -9.09 -1.33 9.05
C GLN B 58 -9.90 -0.37 8.17
N GLY B 59 -9.24 0.63 7.61
CA GLY B 59 -9.91 1.61 6.77
C GLY B 59 -10.40 1.04 5.44
N MET B 60 -9.57 0.24 4.77
CA MET B 60 -9.92 -0.40 3.50
C MET B 60 -11.10 -1.33 3.77
N LEU B 61 -11.00 -2.08 4.85
CA LEU B 61 -12.05 -3.01 5.22
C LEU B 61 -13.42 -2.32 5.40
N ARG B 62 -13.52 -1.35 6.32
CA ARG B 62 -14.79 -0.64 6.59
C ARG B 62 -15.29 0.05 5.31
N LYS B 63 -14.39 0.53 4.45
CA LYS B 63 -14.78 1.19 3.21
C LYS B 63 -15.38 0.19 2.22
N LEU B 64 -14.79 -0.99 2.15
CA LEU B 64 -15.30 -2.02 1.28
C LEU B 64 -16.69 -2.45 1.74
N ASP B 65 -16.96 -2.29 3.03
CA ASP B 65 -18.26 -2.64 3.62
C ASP B 65 -18.74 -4.01 3.12
N ILE B 66 -18.07 -5.04 3.59
CA ILE B 66 -18.36 -6.42 3.21
C ILE B 66 -19.31 -7.09 4.19
N LYS B 67 -20.43 -7.57 3.68
CA LYS B 67 -21.38 -8.25 4.56
C LYS B 67 -21.92 -9.56 3.98
N ASN B 68 -21.86 -9.71 2.67
CA ASN B 68 -22.33 -10.93 2.02
C ASN B 68 -21.51 -11.35 0.79
N GLU B 69 -21.94 -12.45 0.20
CA GLU B 69 -21.32 -13.03 -1.00
C GLU B 69 -21.22 -12.04 -2.15
N ASP B 70 -22.19 -11.14 -2.27
CA ASP B 70 -22.16 -10.15 -3.35
C ASP B 70 -21.00 -9.18 -3.21
N ASP B 71 -20.71 -8.79 -1.97
CA ASP B 71 -19.62 -7.86 -1.73
C ASP B 71 -18.28 -8.55 -1.97
N VAL B 72 -18.20 -9.84 -1.63
CA VAL B 72 -16.97 -10.60 -1.83
C VAL B 72 -16.68 -10.68 -3.31
N LYS B 73 -17.72 -10.95 -4.10
CA LYS B 73 -17.57 -10.99 -5.53
C LYS B 73 -17.02 -9.67 -6.01
N SER B 74 -17.55 -8.57 -5.51
CA SER B 74 -17.11 -7.25 -5.97
C SER B 74 -15.66 -6.93 -5.69
N LEU B 75 -15.12 -7.58 -4.69
CA LEU B 75 -13.74 -7.40 -4.29
C LEU B 75 -12.75 -7.64 -5.45
N SER B 76 -13.11 -8.49 -6.40
CA SER B 76 -12.17 -8.79 -7.50
C SER B 76 -11.79 -7.65 -8.42
N ARG B 77 -12.71 -6.72 -8.66
CA ARG B 77 -12.44 -5.59 -9.55
C ARG B 77 -11.38 -4.63 -9.02
N VAL B 78 -11.54 -4.23 -7.77
CA VAL B 78 -10.60 -3.33 -7.09
C VAL B 78 -9.28 -4.08 -6.94
N MET B 79 -9.39 -5.35 -6.60
CA MET B 79 -8.20 -6.17 -6.41
C MET B 79 -7.24 -6.16 -7.61
N ILE B 80 -7.76 -6.47 -8.79
CA ILE B 80 -6.91 -6.47 -9.97
C ILE B 80 -6.43 -5.07 -10.37
N HIS B 81 -7.22 -4.04 -10.09
CA HIS B 81 -6.83 -2.66 -10.44
C HIS B 81 -5.70 -2.15 -9.57
N VAL B 82 -5.87 -2.34 -8.28
CA VAL B 82 -4.89 -1.88 -7.29
C VAL B 82 -3.61 -2.72 -7.26
N PHE B 83 -3.74 -4.05 -7.29
CA PHE B 83 -2.56 -4.92 -7.26
C PHE B 83 -1.67 -4.80 -8.51
N SER B 84 -2.28 -4.49 -9.65
CA SER B 84 -1.54 -4.39 -10.91
C SER B 84 -0.93 -3.03 -11.22
N ASP B 85 -1.25 -2.03 -10.42
CA ASP B 85 -0.75 -0.68 -10.67
C ASP B 85 0.77 -0.47 -10.56
N GLY B 86 1.29 -0.93 -9.41
CA GLY B 86 2.69 -0.82 -9.03
C GLY B 86 3.64 -1.86 -9.59
N VAL B 87 4.94 -1.65 -9.39
CA VAL B 87 5.98 -2.56 -9.91
C VAL B 87 5.71 -3.94 -9.33
N THR B 88 6.01 -5.00 -10.06
CA THR B 88 5.78 -6.34 -9.51
C THR B 88 6.91 -6.68 -8.53
N ASN B 89 6.56 -7.09 -7.32
CA ASN B 89 7.55 -7.47 -6.32
C ASN B 89 6.89 -8.31 -5.22
N TRP B 90 7.69 -8.97 -4.39
CA TRP B 90 7.13 -9.77 -3.32
C TRP B 90 6.40 -8.96 -2.26
N GLY B 91 6.83 -7.73 -2.03
CA GLY B 91 6.17 -6.89 -1.04
C GLY B 91 4.71 -6.64 -1.42
N ARG B 92 4.46 -6.38 -2.69
CA ARG B 92 3.10 -6.10 -3.18
C ARG B 92 2.23 -7.36 -3.11
N ILE B 93 2.83 -8.52 -3.38
CA ILE B 93 2.07 -9.76 -3.30
C ILE B 93 1.67 -10.09 -1.86
N VAL B 94 2.59 -9.86 -0.91
CA VAL B 94 2.27 -10.11 0.49
C VAL B 94 1.19 -9.13 0.95
N THR B 95 1.18 -7.92 0.37
CA THR B 95 0.15 -6.97 0.76
C THR B 95 -1.20 -7.52 0.29
N LEU B 96 -1.22 -8.05 -0.93
CA LEU B 96 -2.42 -8.63 -1.52
C LEU B 96 -2.93 -9.78 -0.66
N ILE B 97 -2.03 -10.69 -0.33
CA ILE B 97 -2.37 -11.84 0.46
C ILE B 97 -2.72 -11.52 1.91
N SER B 98 -1.97 -10.61 2.54
CA SER B 98 -2.27 -10.28 3.93
C SER B 98 -3.63 -9.61 4.10
N PHE B 99 -3.97 -8.69 3.20
CA PHE B 99 -5.27 -8.05 3.32
C PHE B 99 -6.34 -9.11 3.10
N GLY B 100 -6.02 -10.12 2.30
CA GLY B 100 -6.97 -11.19 2.08
C GLY B 100 -7.24 -11.91 3.40
N ALA B 101 -6.20 -12.12 4.20
CA ALA B 101 -6.38 -12.80 5.50
C ALA B 101 -7.21 -11.94 6.44
N PHE B 102 -7.00 -10.63 6.38
CA PHE B 102 -7.72 -9.67 7.21
C PHE B 102 -9.23 -9.75 6.87
N VAL B 103 -9.53 -9.85 5.58
CA VAL B 103 -10.93 -9.95 5.15
C VAL B 103 -11.48 -11.31 5.56
N ALA B 104 -10.64 -12.32 5.46
CA ALA B 104 -11.04 -13.67 5.85
C ALA B 104 -11.45 -13.64 7.34
N LYS B 105 -10.69 -12.90 8.13
CA LYS B 105 -11.00 -12.78 9.55
C LYS B 105 -12.33 -12.09 9.75
N HIS B 106 -12.54 -11.00 9.02
CA HIS B 106 -13.79 -10.25 9.11
C HIS B 106 -14.97 -11.17 8.80
N LEU B 107 -14.88 -11.89 7.69
CA LEU B 107 -15.93 -12.81 7.26
C LEU B 107 -16.35 -13.81 8.32
N LYS B 108 -15.40 -14.35 9.06
CA LYS B 108 -15.71 -15.31 10.10
C LYS B 108 -16.56 -14.71 11.21
N THR B 109 -16.24 -13.45 11.54
CA THR B 109 -16.93 -12.74 12.59
C THR B 109 -18.33 -12.25 12.24
N ILE B 110 -18.66 -12.22 10.95
CA ILE B 110 -19.98 -11.78 10.50
C ILE B 110 -20.76 -12.97 9.95
N ASN B 111 -20.30 -14.15 10.35
CA ASN B 111 -20.88 -15.44 9.98
C ASN B 111 -20.90 -15.76 8.50
N GLN B 112 -19.80 -15.56 7.81
CA GLN B 112 -19.75 -15.86 6.39
C GLN B 112 -18.47 -16.63 6.11
N GLU B 113 -18.15 -17.58 6.98
CA GLU B 113 -16.93 -18.34 6.82
C GLU B 113 -16.88 -19.12 5.53
N SER B 114 -18.03 -19.37 4.92
CA SER B 114 -18.01 -20.11 3.69
C SER B 114 -17.51 -19.30 2.47
N CYS B 115 -17.31 -18.00 2.65
CA CYS B 115 -16.81 -17.13 1.56
C CYS B 115 -15.27 -17.08 1.52
N ILE B 116 -14.63 -17.58 2.57
CA ILE B 116 -13.17 -17.58 2.64
C ILE B 116 -12.50 -18.37 1.52
N GLU B 117 -12.92 -19.62 1.32
CA GLU B 117 -12.33 -20.43 0.26
C GLU B 117 -12.58 -19.76 -1.09
N PRO B 118 -13.82 -19.27 -1.33
CA PRO B 118 -14.11 -18.62 -2.60
C PRO B 118 -13.22 -17.41 -2.73
N LEU B 119 -13.00 -16.73 -1.61
CA LEU B 119 -12.14 -15.56 -1.60
C LEU B 119 -10.72 -15.99 -1.92
N ALA B 120 -10.29 -17.13 -1.40
CA ALA B 120 -8.93 -17.54 -1.68
C ALA B 120 -8.71 -17.75 -3.16
N GLU B 121 -9.75 -18.22 -3.83
CA GLU B 121 -9.71 -18.48 -5.26
C GLU B 121 -9.62 -17.19 -6.04
N SER B 122 -10.35 -16.19 -5.56
CA SER B 122 -10.33 -14.88 -6.19
C SER B 122 -8.92 -14.32 -6.17
N ILE B 123 -8.29 -14.36 -5.00
CA ILE B 123 -6.94 -13.84 -4.82
C ILE B 123 -5.93 -14.59 -5.66
N THR B 124 -5.99 -15.91 -5.59
CA THR B 124 -5.07 -16.73 -6.35
C THR B 124 -5.25 -16.45 -7.84
N ASP B 125 -6.50 -16.25 -8.27
CA ASP B 125 -6.76 -15.95 -9.68
C ASP B 125 -6.00 -14.67 -10.07
N VAL B 126 -6.13 -13.62 -9.27
CA VAL B 126 -5.45 -12.36 -9.60
C VAL B 126 -3.93 -12.53 -9.65
N LEU B 127 -3.39 -13.17 -8.61
CA LEU B 127 -1.94 -13.37 -8.52
C LEU B 127 -1.32 -14.18 -9.65
N VAL B 128 -1.77 -15.42 -9.81
CA VAL B 128 -1.20 -16.28 -10.85
C VAL B 128 -1.60 -15.90 -12.28
N ARG B 129 -2.82 -15.44 -12.50
CA ARG B 129 -3.17 -15.10 -13.88
C ARG B 129 -2.51 -13.81 -14.33
N THR B 130 -2.19 -12.92 -13.40
CA THR B 130 -1.56 -11.68 -13.80
C THR B 130 -0.02 -11.69 -13.65
N LYS B 131 0.53 -12.52 -12.77
CA LYS B 131 1.99 -12.50 -12.62
C LYS B 131 2.68 -13.83 -12.89
N ARG B 132 2.01 -14.70 -13.65
CA ARG B 132 2.53 -16.04 -13.90
C ARG B 132 3.97 -16.08 -14.36
N ASP B 133 4.25 -15.32 -15.42
CA ASP B 133 5.58 -15.28 -16.00
C ASP B 133 6.61 -14.73 -15.05
N TRP B 134 6.25 -13.67 -14.32
CA TRP B 134 7.15 -13.07 -13.35
C TRP B 134 7.44 -14.10 -12.25
N LEU B 135 6.41 -14.79 -11.80
CA LEU B 135 6.62 -15.78 -10.76
C LEU B 135 7.52 -16.92 -11.17
N VAL B 136 7.32 -17.43 -12.37
CA VAL B 136 8.13 -18.54 -12.88
C VAL B 136 9.59 -18.14 -12.86
N LYS B 137 9.87 -16.95 -13.37
CA LYS B 137 11.24 -16.45 -13.41
C LYS B 137 11.90 -16.26 -12.04
N GLN B 138 11.10 -15.84 -11.06
CA GLN B 138 11.59 -15.62 -9.71
C GLN B 138 11.46 -16.99 -9.04
N ARG B 139 11.16 -17.98 -9.90
CA ARG B 139 10.90 -19.37 -9.59
C ARG B 139 9.95 -19.66 -8.42
N GLY B 140 8.71 -19.24 -8.63
CA GLY B 140 7.61 -19.44 -7.70
C GLY B 140 7.83 -19.25 -6.21
N TRP B 141 7.12 -20.04 -5.41
CA TRP B 141 7.20 -19.95 -3.96
C TRP B 141 8.56 -20.23 -3.32
N ASP B 142 9.45 -20.93 -4.02
CA ASP B 142 10.78 -21.19 -3.46
C ASP B 142 11.45 -19.83 -3.46
N GLY B 143 11.15 -19.01 -4.45
CA GLY B 143 11.75 -17.70 -4.48
C GLY B 143 11.17 -16.80 -3.42
N PHE B 144 9.90 -17.00 -3.09
CA PHE B 144 9.25 -16.20 -2.06
C PHE B 144 9.98 -16.35 -0.74
N VAL B 145 10.19 -17.61 -0.40
CA VAL B 145 10.87 -18.01 0.80
C VAL B 145 12.29 -17.42 0.89
N GLU B 146 13.05 -17.58 -0.19
CA GLU B 146 14.41 -17.05 -0.22
C GLU B 146 14.40 -15.54 -0.02
N PHE B 147 13.52 -14.85 -0.74
CA PHE B 147 13.43 -13.39 -0.65
C PHE B 147 13.21 -12.88 0.76
N PHE B 148 12.29 -13.51 1.48
CA PHE B 148 11.92 -13.13 2.84
C PHE B 148 12.64 -13.89 3.95
N HIS B 149 13.76 -14.51 3.62
CA HIS B 149 14.54 -15.28 4.63
C HIS B 149 14.98 -14.39 5.77
N VAL B 150 15.19 -15.00 6.94
CA VAL B 150 15.60 -14.34 8.18
C VAL B 150 14.46 -13.57 8.83
C1 LMV C . -2.70 5.26 1.98
C2 LMV C . -1.85 4.17 2.66
C3 LMV C . -3.17 3.30 2.58
O4 LMV C . 4.18 -0.52 2.31
C7 LMV C . 1.43 3.87 2.99
C8 LMV C . 2.71 3.64 2.47
C9 LMV C . 3.66 4.67 2.45
C10 LMV C . 3.37 5.95 2.96
C11 LMV C . 1.74 -1.32 2.44
C12 LMV C . -0.52 6.87 4.26
C13 LMV C . 0.28 -1.10 2.02
C14 LMV C . -0.22 0.19 2.60
C15 LMV C . -0.58 -2.21 2.63
C16 LMV C . 1.10 5.14 3.51
C19 LMV C . 3.15 2.37 1.86
C20 LMV C . -1.22 4.44 4.08
C21 LMV C . -0.37 11.59 5.58
C22 LMV C . 0.42 11.30 4.43
C24 LMV C . 0.40 8.98 5.12
N1 LMV C . -0.18 5.47 3.96
C17 LMV C . 2.09 6.17 3.48
O1 LMV C . 1.80 7.45 3.99
C18 LMV C . 0.71 7.55 4.89
O2 LMV C . 4.03 2.30 1.01
N2 LMV C . 2.49 1.29 2.30
S1 LMV C . 2.92 -0.17 1.70
O3 LMV C . 2.83 -0.19 0.28
C23 LMV C . 0.81 9.98 4.21
C5 LMV C . -0.39 9.36 6.25
C6 LMV C . -0.78 10.65 6.51
CL1 LMV C . -0.88 8.21 7.44
CL2 LMV C . -0.93 13.18 5.87
C4 LMV C . -3.73 4.34 1.52
C1 LMV D . -4.81 -2.73 1.73
C2 LMV D . -4.48 -1.88 0.44
C3 LMV D . -4.43 -0.59 1.32
O4 LMV D . 0.88 0.12 -4.79
C7 LMV D . -2.83 -2.65 -2.31
C8 LMV D . -1.66 -3.02 -2.98
C9 LMV D . -1.48 -4.31 -3.48
C10 LMV D . -2.47 -5.27 -3.32
C11 LMV D . -0.31 1.85 -3.21
C12 LMV D . -6.00 -4.37 -1.12
C13 LMV D . -0.97 2.16 -1.84
C14 LMV D . -1.86 1.07 -1.28
C15 LMV D . -1.73 3.50 -1.76
C16 LMV D . -3.85 -3.59 -2.12
C19 LMV D . -0.51 -2.12 -3.16
C20 LMV D . -5.29 -1.96 -0.90
C21 LMV D . -8.52 -8.60 -1.05
C22 LMV D . -7.15 -8.84 -0.98
C24 LMV D . -6.87 -6.56 -1.86
N1 LMV D . -5.03 -3.30 -1.40
C17 LMV D . -3.65 -4.90 -2.64
O1 LMV D . -4.64 -5.88 -2.50
C18 LMV D . -5.97 -5.42 -2.26
O2 LMV D . 0.64 -2.57 -3.30
N2 LMV D . -0.80 -0.84 -3.18
S1 LMV D . 0.42 0.22 -3.43
O3 LMV D . 1.42 0.02 -2.43
C23 LMV D . -6.32 -7.79 -1.39
C5 LMV D . -8.28 -6.39 -1.91
C6 LMV D . -9.11 -7.42 -1.51
CL1 LMV D . -8.99 -4.85 -2.41
CL2 LMV D . -9.58 -9.82 -0.51
C4 LMV D . -4.48 -1.46 2.62
#